data_7OYK
#
_entry.id   7OYK
#
_cell.length_a   57.972
_cell.length_b   103.141
_cell.length_c   51.111
_cell.angle_alpha   90.000
_cell.angle_beta   90.537
_cell.angle_gamma   90.000
#
_symmetry.space_group_name_H-M   'P 1 21 1'
#
loop_
_entity.id
_entity.type
_entity.pdbx_description
1 polymer 'Central glycolytic genes regulator'
2 polymer 'DNA operator - strand 1'
3 polymer 'DNA operator - strand 2'
4 non-polymer 'CALCIUM ION'
5 non-polymer 1,2-ETHANEDIOL
6 non-polymer 'PHOSPHATE ION'
7 water water
#
loop_
_entity_poly.entity_id
_entity_poly.type
_entity_poly.pdbx_seq_one_letter_code
_entity_poly.pdbx_strand_id
1 'polypeptide(L)'
;SNAAS(MSE)NQLIQAQKKLLPDLLLV(MSE)QKRFEILQYIRLTEPIGRRSLSASLGISERVLRGEVQFLKEQNLVDIK
TNG(MSE)TLTEEGYELLSVLEDT(MSE)KDV
;
AAA,DDD,CCC,BBB
2 'polydeoxyribonucleotide' (DG)(DA)(DC)(DA)(DA)(DA)(DA)(DA)(DA)(DC)(DG)(DT)(DC)(DC)(DC)(DG) EEE,LLL,GGG
3 'polydeoxyribonucleotide' (DC)(DG)(DG)(DG)(DA)(DC)(DG)(DT)(DT)(DT)(DT)(DT)(DT)(DG)(DT)(DC) FFF,KKK,HHH
#
loop_
_chem_comp.id
_chem_comp.type
_chem_comp.name
_chem_comp.formula
CA non-polymer 'CALCIUM ION' 'Ca 2'
DA DNA linking 2'-DEOXYADENOSINE-5'-MONOPHOSPHATE 'C10 H14 N5 O6 P'
DC DNA linking 2'-DEOXYCYTIDINE-5'-MONOPHOSPHATE 'C9 H14 N3 O7 P'
DG DNA linking 2'-DEOXYGUANOSINE-5'-MONOPHOSPHATE 'C10 H14 N5 O7 P'
DT DNA linking THYMIDINE-5'-MONOPHOSPHATE 'C10 H15 N2 O8 P'
EDO non-polymer 1,2-ETHANEDIOL 'C2 H6 O2'
PO4 non-polymer 'PHOSPHATE ION' 'O4 P -3'
#
# COMPACT_ATOMS: atom_id res chain seq x y z
N SER A 1 1.52 10.91 18.14
CA SER A 1 0.72 11.76 19.09
C SER A 1 1.64 12.44 20.09
N ASN A 2 2.45 11.66 20.81
N ASN A 2 2.47 11.63 20.77
CA ASN A 2 3.43 12.24 21.78
CA ASN A 2 3.52 12.06 21.74
C ASN A 2 4.66 12.72 21.01
C ASN A 2 4.67 12.75 20.97
N ALA A 3 5.38 13.66 21.62
CA ALA A 3 6.64 14.25 21.09
C ALA A 3 7.70 13.15 20.93
N ALA A 4 7.78 12.23 21.88
CA ALA A 4 8.85 11.21 22.00
C ALA A 4 8.72 10.15 20.90
N SER A 5 7.47 9.77 20.57
CA SER A 5 7.15 8.82 19.49
C SER A 5 7.45 9.47 18.14
N MSE A 6 7.32 10.79 18.05
CA MSE A 6 7.66 11.50 16.84
C MSE A 6 9.17 11.62 16.72
O MSE A 6 9.72 11.42 15.65
CB MSE A 6 6.99 12.88 16.79
CG MSE A 6 7.27 13.64 15.52
SE MSE A 6 6.36 15.38 15.46
CE MSE A 6 7.37 16.54 16.71
N ASN A 7 9.84 11.94 17.84
CA ASN A 7 11.29 12.04 17.80
C ASN A 7 11.86 10.66 17.49
N GLN A 8 11.23 9.59 17.95
CA GLN A 8 11.71 8.22 17.67
C GLN A 8 11.59 7.96 16.16
N LEU A 9 10.44 8.28 15.56
CA LEU A 9 10.21 8.13 14.11
C LEU A 9 11.30 8.87 13.34
N ILE A 10 11.54 10.13 13.67
CA ILE A 10 12.52 11.00 12.94
C ILE A 10 13.92 10.40 13.03
N GLN A 11 14.29 9.86 14.19
CA GLN A 11 15.67 9.33 14.39
C GLN A 11 15.83 8.05 13.56
N ALA A 12 14.81 7.18 13.55
CA ALA A 12 14.78 5.96 12.72
C ALA A 12 14.87 6.33 11.23
N GLN A 13 14.15 7.37 10.79
CA GLN A 13 14.17 7.85 9.38
C GLN A 13 15.58 8.31 9.02
N LYS A 14 16.26 9.00 9.93
CA LYS A 14 17.64 9.49 9.66
C LYS A 14 18.60 8.33 9.43
N LYS A 15 18.36 7.14 9.99
CA LYS A 15 19.27 5.96 9.81
C LYS A 15 18.84 5.10 8.62
N LEU A 16 17.55 4.87 8.44
CA LEU A 16 17.00 3.93 7.43
C LEU A 16 16.79 4.62 6.07
N LEU A 17 16.52 5.92 6.05
CA LEU A 17 16.05 6.64 4.83
C LEU A 17 16.82 7.93 4.55
N PRO A 18 18.14 8.05 4.81
CA PRO A 18 18.81 9.32 4.55
C PRO A 18 18.79 9.71 3.06
N ASP A 19 18.79 8.75 2.14
CA ASP A 19 18.69 9.03 0.68
C ASP A 19 17.35 9.72 0.41
N LEU A 20 16.26 9.19 0.97
CA LEU A 20 14.92 9.81 0.83
C LEU A 20 14.89 11.15 1.57
N LEU A 21 15.56 11.29 2.71
CA LEU A 21 15.54 12.58 3.44
C LEU A 21 16.24 13.68 2.60
N LEU A 22 17.24 13.30 1.83
CA LEU A 22 18.00 14.27 0.97
C LEU A 22 17.10 14.80 -0.15
N VAL A 23 16.39 13.92 -0.83
CA VAL A 23 15.43 14.34 -1.88
C VAL A 23 14.41 15.30 -1.26
N MSE A 24 13.86 14.93 -0.10
CA MSE A 24 12.83 15.74 0.55
C MSE A 24 13.37 17.13 0.88
O MSE A 24 12.69 18.12 0.66
CB MSE A 24 12.28 15.02 1.79
CG MSE A 24 11.41 15.90 2.67
SE MSE A 24 10.50 14.84 4.06
CE MSE A 24 10.52 12.99 3.42
N GLN A 25 14.59 17.20 1.41
CA GLN A 25 15.16 18.49 1.76
C GLN A 25 15.36 19.34 0.50
N LYS A 26 15.89 18.78 -0.59
CA LYS A 26 16.08 19.54 -1.85
C LYS A 26 14.73 20.08 -2.32
N ARG A 27 13.67 19.27 -2.30
CA ARG A 27 12.33 19.74 -2.76
C ARG A 27 11.77 20.80 -1.80
N PHE A 28 12.02 20.64 -0.51
CA PHE A 28 11.59 21.62 0.52
C PHE A 28 12.32 22.95 0.25
N GLU A 29 13.61 22.92 -0.09
CA GLU A 29 14.41 24.15 -0.38
C GLU A 29 13.80 24.87 -1.60
N ILE A 30 13.37 24.13 -2.61
CA ILE A 30 12.71 24.74 -3.81
C ILE A 30 11.46 25.49 -3.35
N LEU A 31 10.63 24.89 -2.50
CA LEU A 31 9.40 25.56 -2.00
C LEU A 31 9.74 26.84 -1.22
N GLN A 32 10.77 26.81 -0.37
CA GLN A 32 11.22 28.00 0.42
C GLN A 32 11.64 29.13 -0.53
N TYR A 33 12.45 28.82 -1.53
CA TYR A 33 12.93 29.82 -2.52
C TYR A 33 11.75 30.38 -3.30
N ILE A 34 10.77 29.56 -3.65
CA ILE A 34 9.58 30.08 -4.39
C ILE A 34 8.79 31.02 -3.45
N ARG A 35 8.68 30.68 -2.17
CA ARG A 35 7.90 31.52 -1.22
C ARG A 35 8.51 32.91 -1.18
N LEU A 36 9.83 32.97 -1.19
CA LEU A 36 10.61 34.22 -1.11
C LEU A 36 10.45 35.06 -2.38
N THR A 37 10.44 34.46 -3.57
CA THR A 37 10.65 35.20 -4.84
C THR A 37 9.46 35.08 -5.80
N GLU A 38 8.39 34.37 -5.45
CA GLU A 38 7.29 34.19 -6.43
C GLU A 38 6.75 35.54 -6.91
N PRO A 39 6.22 35.64 -8.14
CA PRO A 39 6.37 34.60 -9.16
C PRO A 39 7.80 34.58 -9.72
N ILE A 40 8.33 33.37 -9.95
CA ILE A 40 9.71 33.21 -10.50
C ILE A 40 9.68 32.06 -11.51
N GLY A 41 10.50 32.16 -12.57
CA GLY A 41 10.52 31.16 -13.65
C GLY A 41 11.72 30.27 -13.50
N ARG A 42 11.77 29.20 -14.26
CA ARG A 42 12.74 28.09 -14.05
C ARG A 42 14.18 28.58 -14.31
N ARG A 43 14.39 29.53 -15.22
CA ARG A 43 15.73 30.08 -15.51
C ARG A 43 16.27 30.83 -14.30
N SER A 44 15.51 31.79 -13.77
CA SER A 44 15.92 32.58 -12.57
C SER A 44 16.02 31.67 -11.33
N LEU A 45 15.02 30.83 -11.07
CA LEU A 45 15.06 29.91 -9.90
C LEU A 45 16.25 28.93 -9.98
N SER A 46 16.55 28.33 -11.12
CA SER A 46 17.70 27.39 -11.24
C SER A 46 19.01 28.15 -10.96
N ALA A 47 19.19 29.35 -11.52
CA ALA A 47 20.38 30.20 -11.28
C ALA A 47 20.49 30.51 -9.77
N SER A 48 19.40 30.91 -9.14
CA SER A 48 19.32 31.26 -7.69
C SER A 48 19.78 30.06 -6.83
N LEU A 49 19.30 28.86 -7.12
CA LEU A 49 19.89 27.62 -6.56
C LEU A 49 21.16 27.29 -7.34
N GLY A 50 21.90 26.25 -6.97
CA GLY A 50 23.15 25.99 -7.72
C GLY A 50 22.96 24.94 -8.80
N ILE A 51 21.76 24.81 -9.37
CA ILE A 51 21.41 23.60 -10.16
C ILE A 51 21.03 23.98 -11.59
N SER A 52 21.09 23.02 -12.50
CA SER A 52 20.77 23.26 -13.92
C SER A 52 19.26 23.45 -14.06
N GLU A 53 18.88 24.19 -15.09
CA GLU A 53 17.47 24.43 -15.48
C GLU A 53 16.77 23.07 -15.60
N ARG A 54 17.42 22.10 -16.22
CA ARG A 54 16.77 20.81 -16.56
C ARG A 54 16.46 20.03 -15.28
N VAL A 55 17.38 20.01 -14.30
CA VAL A 55 17.19 19.33 -13.00
C VAL A 55 16.03 20.03 -12.26
N LEU A 56 16.05 21.34 -12.18
CA LEU A 56 14.95 22.09 -11.52
C LEU A 56 13.62 21.71 -12.20
N ARG A 57 13.60 21.62 -13.51
CA ARG A 57 12.35 21.46 -14.28
C ARG A 57 11.70 20.11 -13.93
N GLY A 58 12.52 19.08 -13.76
CA GLY A 58 12.11 17.78 -13.21
C GLY A 58 11.47 17.91 -11.83
N GLU A 59 12.14 18.56 -10.88
CA GLU A 59 11.61 18.75 -9.50
C GLU A 59 10.32 19.58 -9.52
N VAL A 60 10.29 20.65 -10.29
CA VAL A 60 9.12 21.58 -10.29
C VAL A 60 7.92 20.85 -10.91
N GLN A 61 8.16 19.93 -11.83
CA GLN A 61 7.03 19.22 -12.49
C GLN A 61 6.43 18.27 -11.44
N PHE A 62 7.30 17.65 -10.62
CA PHE A 62 6.86 16.80 -9.49
C PHE A 62 5.98 17.65 -8.55
N LEU A 63 6.48 18.82 -8.12
CA LEU A 63 5.77 19.71 -7.16
C LEU A 63 4.41 20.14 -7.73
N LYS A 64 4.34 20.41 -9.02
CA LYS A 64 3.05 20.77 -9.68
C LYS A 64 2.10 19.59 -9.60
N GLU A 65 2.55 18.38 -9.94
CA GLU A 65 1.73 17.14 -9.87
C GLU A 65 1.21 16.92 -8.43
N GLN A 66 1.97 17.31 -7.39
CA GLN A 66 1.52 17.18 -5.97
C GLN A 66 0.64 18.37 -5.53
N ASN A 67 0.38 19.31 -6.43
CA ASN A 67 -0.49 20.51 -6.22
C ASN A 67 0.13 21.42 -5.17
N LEU A 68 1.45 21.50 -5.14
CA LEU A 68 2.18 22.36 -4.19
C LEU A 68 2.59 23.67 -4.87
N VAL A 69 2.71 23.69 -6.19
CA VAL A 69 3.02 24.94 -6.95
C VAL A 69 2.09 25.06 -8.15
N ASP A 70 1.83 26.29 -8.53
CA ASP A 70 1.07 26.65 -9.76
C ASP A 70 2.10 27.22 -10.74
N ILE A 71 1.99 26.84 -12.00
CA ILE A 71 2.88 27.31 -13.10
C ILE A 71 2.02 28.13 -14.05
N LYS A 72 2.27 29.43 -14.11
CA LYS A 72 1.52 30.38 -14.96
C LYS A 72 2.48 31.03 -15.95
N THR A 73 1.94 31.80 -16.90
CA THR A 73 2.74 32.44 -17.97
C THR A 73 3.81 33.33 -17.33
N ASN A 74 3.61 33.86 -16.11
CA ASN A 74 4.58 34.76 -15.42
C ASN A 74 5.44 34.00 -14.41
N GLY A 75 5.33 32.67 -14.36
CA GLY A 75 6.23 31.82 -13.54
C GLY A 75 5.48 31.04 -12.48
N MSE A 76 6.19 30.67 -11.42
CA MSE A 76 5.65 29.76 -10.44
C MSE A 76 5.36 30.48 -9.14
O MSE A 76 6.16 31.31 -8.72
CB MSE A 76 6.64 28.62 -10.19
CG MSE A 76 6.93 27.81 -11.41
SE MSE A 76 8.43 26.58 -11.11
CE MSE A 76 10.12 27.56 -11.27
N THR A 77 4.23 30.08 -8.52
CA THR A 77 3.83 30.46 -7.18
C THR A 77 3.42 29.22 -6.34
N LEU A 78 3.37 29.35 -5.02
CA LEU A 78 2.90 28.24 -4.15
C LEU A 78 1.38 28.18 -4.17
N THR A 79 0.85 27.00 -4.03
CA THR A 79 -0.59 26.82 -3.76
C THR A 79 -0.83 26.97 -2.26
N GLU A 80 -2.08 26.94 -1.86
CA GLU A 80 -2.45 26.87 -0.42
C GLU A 80 -1.74 25.66 0.19
N GLU A 81 -1.83 24.48 -0.43
CA GLU A 81 -1.18 23.24 0.06
C GLU A 81 0.33 23.46 0.22
N GLY A 82 0.97 24.19 -0.67
CA GLY A 82 2.41 24.48 -0.56
C GLY A 82 2.75 25.31 0.67
N TYR A 83 2.00 26.40 0.90
CA TYR A 83 2.20 27.26 2.11
C TYR A 83 1.98 26.43 3.39
N GLU A 84 0.89 25.64 3.42
CA GLU A 84 0.58 24.76 4.58
C GLU A 84 1.79 23.84 4.83
N LEU A 85 2.27 23.14 3.79
CA LEU A 85 3.38 22.16 3.93
C LEU A 85 4.60 22.83 4.56
N LEU A 86 4.91 24.06 4.18
CA LEU A 86 6.10 24.75 4.72
C LEU A 86 5.92 24.96 6.23
N SER A 87 4.71 25.28 6.70
CA SER A 87 4.46 25.51 8.15
C SER A 87 4.53 24.17 8.91
N VAL A 88 3.95 23.10 8.37
CA VAL A 88 3.94 21.76 9.02
C VAL A 88 5.36 21.18 9.15
N LEU A 89 6.21 21.30 8.14
CA LEU A 89 7.53 20.62 8.17
C LEU A 89 8.62 21.55 8.69
N GLU A 90 8.32 22.82 9.01
CA GLU A 90 9.36 23.84 9.26
C GLU A 90 10.39 23.30 10.26
N ASP A 91 9.96 22.81 11.44
CA ASP A 91 10.88 22.49 12.57
C ASP A 91 11.65 21.19 12.30
N THR A 92 10.97 20.09 11.97
CA THR A 92 11.64 18.83 11.58
C THR A 92 12.68 19.10 10.49
N MSE A 93 12.37 19.99 9.54
CA MSE A 93 13.26 20.20 8.40
C MSE A 93 14.53 20.97 8.80
O MSE A 93 15.47 20.98 8.02
CB MSE A 93 12.54 20.92 7.26
CG MSE A 93 13.08 20.58 5.88
SE MSE A 93 12.93 18.69 5.42
CE MSE A 93 11.21 17.95 5.99
N LYS A 94 14.57 21.59 9.98
CA LYS A 94 15.83 22.10 10.50
C LYS A 94 16.56 20.99 11.29
N ASP A 95 15.83 20.14 12.01
CA ASP A 95 16.37 19.05 12.86
C ASP A 95 16.52 17.75 12.03
N VAL A 96 17.38 17.79 10.99
CA VAL A 96 17.72 16.62 10.11
C VAL A 96 19.19 16.77 9.66
N SER B 1 5.24 -4.91 -17.64
CA SER B 1 5.58 -6.19 -16.93
C SER B 1 4.30 -6.92 -16.52
N ASN B 2 4.32 -8.25 -16.60
CA ASN B 2 3.26 -9.12 -16.06
C ASN B 2 3.23 -8.99 -14.53
N ALA B 3 4.38 -8.93 -13.84
CA ALA B 3 4.46 -8.87 -12.36
C ALA B 3 3.92 -7.54 -11.85
N ALA B 4 4.21 -6.44 -12.56
CA ALA B 4 3.91 -5.06 -12.13
C ALA B 4 2.41 -4.76 -12.30
N SER B 5 1.83 -5.29 -13.37
CA SER B 5 0.38 -5.25 -13.68
C SER B 5 -0.39 -6.05 -12.63
N MSE B 6 0.21 -7.14 -12.15
CA MSE B 6 -0.43 -7.97 -11.15
C MSE B 6 -0.35 -7.27 -9.80
O MSE B 6 -1.36 -7.23 -9.08
CB MSE B 6 0.22 -9.36 -11.09
CG MSE B 6 -0.76 -10.51 -10.89
SE MSE B 6 0.18 -12.20 -10.53
CE MSE B 6 1.52 -11.85 -9.14
N ASN B 7 0.82 -6.74 -9.46
CA ASN B 7 0.98 -6.03 -8.20
C ASN B 7 0.05 -4.81 -8.19
N GLN B 8 -0.15 -4.17 -9.34
CA GLN B 8 -1.08 -3.02 -9.44
C GLN B 8 -2.50 -3.51 -9.13
N LEU B 9 -2.93 -4.59 -9.76
CA LEU B 9 -4.29 -5.16 -9.54
C LEU B 9 -4.47 -5.43 -8.05
N ILE B 10 -3.52 -6.11 -7.42
CA ILE B 10 -3.61 -6.54 -5.99
C ILE B 10 -3.72 -5.31 -5.10
N GLN B 11 -2.95 -4.24 -5.39
CA GLN B 11 -2.93 -3.04 -4.51
C GLN B 11 -4.30 -2.35 -4.62
N ALA B 12 -4.87 -2.24 -5.83
CA ALA B 12 -6.21 -1.66 -6.08
C ALA B 12 -7.28 -2.50 -5.38
N GLN B 13 -7.16 -3.82 -5.41
CA GLN B 13 -8.09 -4.74 -4.70
C GLN B 13 -8.02 -4.51 -3.19
N LYS B 14 -6.83 -4.29 -2.62
CA LYS B 14 -6.70 -4.03 -1.16
C LYS B 14 -7.39 -2.73 -0.72
N LYS B 15 -7.59 -1.76 -1.63
CA LYS B 15 -8.30 -0.48 -1.31
C LYS B 15 -9.79 -0.58 -1.62
N LEU B 16 -10.17 -1.17 -2.75
CA LEU B 16 -11.58 -1.21 -3.25
C LEU B 16 -12.36 -2.38 -2.65
N LEU B 17 -11.70 -3.51 -2.30
CA LEU B 17 -12.38 -4.79 -1.96
C LEU B 17 -11.84 -5.44 -0.68
N PRO B 18 -11.44 -4.70 0.38
CA PRO B 18 -10.89 -5.37 1.56
C PRO B 18 -11.92 -6.28 2.27
N ASP B 19 -13.21 -5.95 2.24
CA ASP B 19 -14.29 -6.83 2.77
C ASP B 19 -14.28 -8.17 2.01
N LEU B 20 -14.21 -8.13 0.69
CA LEU B 20 -14.10 -9.36 -0.14
C LEU B 20 -12.75 -10.04 0.11
N LEU B 21 -11.65 -9.32 0.30
CA LEU B 21 -10.34 -9.99 0.52
C LEU B 21 -10.37 -10.78 1.83
N LEU B 22 -11.08 -10.27 2.83
CA LEU B 22 -11.23 -10.91 4.15
C LEU B 22 -11.98 -12.25 3.99
N VAL B 23 -13.11 -12.26 3.30
CA VAL B 23 -13.88 -13.51 3.07
C VAL B 23 -12.97 -14.52 2.36
N MSE B 24 -12.22 -14.04 1.37
CA MSE B 24 -11.42 -14.93 0.54
C MSE B 24 -10.34 -15.57 1.41
O MSE B 24 -10.05 -16.75 1.29
CB MSE B 24 -10.77 -14.17 -0.60
CG MSE B 24 -9.71 -14.95 -1.33
SE MSE B 24 -9.18 -14.08 -3.00
CE MSE B 24 -10.70 -13.00 -3.53
N GLN B 25 -9.71 -14.74 2.24
CA GLN B 25 -8.61 -15.18 3.07
C GLN B 25 -9.10 -16.23 4.08
N LYS B 26 -10.28 -16.04 4.65
CA LYS B 26 -10.89 -16.99 5.61
C LYS B 26 -11.12 -18.32 4.89
N ARG B 27 -11.62 -18.29 3.66
CA ARG B 27 -11.86 -19.54 2.88
C ARG B 27 -10.54 -20.22 2.51
N PHE B 28 -9.52 -19.43 2.21
CA PHE B 28 -8.18 -19.95 1.87
C PHE B 28 -7.64 -20.65 3.12
N GLU B 29 -7.84 -20.10 4.32
CA GLU B 29 -7.34 -20.68 5.61
C GLU B 29 -8.02 -22.02 5.83
N ILE B 30 -9.31 -22.13 5.51
CA ILE B 30 -10.06 -23.42 5.65
C ILE B 30 -9.38 -24.46 4.75
N LEU B 31 -9.04 -24.12 3.50
CA LEU B 31 -8.38 -25.08 2.57
C LEU B 31 -7.00 -25.49 3.12
N GLN B 32 -6.21 -24.55 3.66
CA GLN B 32 -4.88 -24.88 4.25
C GLN B 32 -5.02 -25.85 5.42
N TYR B 33 -5.95 -25.62 6.33
CA TYR B 33 -6.15 -26.49 7.50
C TYR B 33 -6.63 -27.88 7.06
N ILE B 34 -7.48 -27.96 6.04
CA ILE B 34 -7.90 -29.29 5.51
C ILE B 34 -6.69 -30.00 4.89
N ARG B 35 -5.85 -29.29 4.13
CA ARG B 35 -4.68 -29.94 3.47
C ARG B 35 -3.84 -30.60 4.56
N LEU B 36 -3.70 -29.92 5.70
CA LEU B 36 -2.82 -30.35 6.81
C LEU B 36 -3.43 -31.55 7.55
N THR B 37 -4.75 -31.60 7.74
CA THR B 37 -5.41 -32.57 8.67
C THR B 37 -6.44 -33.48 7.98
N GLU B 38 -6.58 -33.47 6.67
CA GLU B 38 -7.60 -34.34 6.02
C GLU B 38 -7.33 -35.83 6.30
N PRO B 39 -8.35 -36.70 6.38
CA PRO B 39 -9.76 -36.28 6.46
C PRO B 39 -10.09 -35.71 7.83
N ILE B 40 -10.87 -34.62 7.87
CA ILE B 40 -11.25 -33.91 9.13
C ILE B 40 -12.73 -33.56 9.07
N GLY B 41 -13.40 -33.62 10.22
CA GLY B 41 -14.84 -33.33 10.33
C GLY B 41 -15.06 -31.94 10.85
N ARG B 42 -16.31 -31.50 10.81
CA ARG B 42 -16.63 -30.06 11.02
C ARG B 42 -16.36 -29.64 12.48
N ARG B 43 -16.47 -30.53 13.47
CA ARG B 43 -16.19 -30.20 14.89
C ARG B 43 -14.70 -29.94 15.07
N SER B 44 -13.85 -30.85 14.61
CA SER B 44 -12.37 -30.71 14.72
C SER B 44 -11.86 -29.52 13.90
N LEU B 45 -12.30 -29.37 12.65
CA LEU B 45 -11.89 -28.25 11.77
C LEU B 45 -12.36 -26.91 12.37
N SER B 46 -13.57 -26.80 12.91
CA SER B 46 -14.07 -25.52 13.47
C SER B 46 -13.19 -25.12 14.67
N ALA B 47 -12.86 -26.09 15.53
CA ALA B 47 -11.93 -25.90 16.67
C ALA B 47 -10.56 -25.42 16.18
N SER B 48 -9.98 -26.08 15.17
CA SER B 48 -8.66 -25.71 14.57
C SER B 48 -8.64 -24.26 14.07
N LEU B 49 -9.74 -23.78 13.47
CA LEU B 49 -9.85 -22.38 12.94
C LEU B 49 -10.36 -21.43 14.04
N GLY B 50 -10.84 -21.92 15.17
CA GLY B 50 -11.42 -21.08 16.24
C GLY B 50 -12.65 -20.33 15.76
N ILE B 51 -13.49 -20.96 14.94
CA ILE B 51 -14.81 -20.43 14.52
C ILE B 51 -15.89 -21.43 14.94
N SER B 52 -17.14 -20.98 15.02
CA SER B 52 -18.28 -21.85 15.40
C SER B 52 -18.47 -22.92 14.33
N GLU B 53 -18.93 -24.09 14.73
CA GLU B 53 -19.24 -25.21 13.83
C GLU B 53 -20.22 -24.70 12.76
N ARG B 54 -21.21 -23.89 13.13
CA ARG B 54 -22.27 -23.48 12.18
C ARG B 54 -21.69 -22.56 11.09
N VAL B 55 -20.81 -21.63 11.46
CA VAL B 55 -20.09 -20.73 10.51
C VAL B 55 -19.28 -21.61 9.55
N LEU B 56 -18.49 -22.54 10.09
CA LEU B 56 -17.69 -23.46 9.24
C LEU B 56 -18.61 -24.19 8.27
N ARG B 57 -19.76 -24.66 8.73
CA ARG B 57 -20.69 -25.48 7.90
C ARG B 57 -21.08 -24.69 6.65
N GLY B 58 -21.45 -23.42 6.84
CA GLY B 58 -21.75 -22.49 5.75
C GLY B 58 -20.60 -22.38 4.76
N GLU B 59 -19.37 -22.14 5.24
CA GLU B 59 -18.19 -21.99 4.36
C GLU B 59 -17.89 -23.30 3.65
N VAL B 60 -17.92 -24.45 4.34
CA VAL B 60 -17.51 -25.72 3.68
C VAL B 60 -18.58 -26.10 2.65
N GLN B 61 -19.84 -25.73 2.85
CA GLN B 61 -20.88 -26.07 1.83
C GLN B 61 -20.55 -25.26 0.57
N PHE B 62 -20.13 -24.00 0.72
CA PHE B 62 -19.71 -23.14 -0.41
C PHE B 62 -18.56 -23.82 -1.16
N LEU B 63 -17.52 -24.21 -0.42
CA LEU B 63 -16.29 -24.84 -0.97
C LEU B 63 -16.64 -26.14 -1.70
N LYS B 64 -17.57 -26.91 -1.17
CA LYS B 64 -18.02 -28.16 -1.84
C LYS B 64 -18.70 -27.80 -3.16
N GLU B 65 -19.54 -26.78 -3.17
CA GLU B 65 -20.27 -26.27 -4.36
C GLU B 65 -19.25 -25.90 -5.43
N GLN B 66 -18.12 -25.29 -5.05
CA GLN B 66 -17.05 -24.86 -6.00
C GLN B 66 -16.15 -26.04 -6.40
N ASN B 67 -16.45 -27.26 -5.90
CA ASN B 67 -15.68 -28.50 -6.15
C ASN B 67 -14.24 -28.36 -5.65
N LEU B 68 -14.03 -27.68 -4.52
CA LEU B 68 -12.70 -27.56 -3.88
C LEU B 68 -12.54 -28.57 -2.74
N VAL B 69 -13.63 -29.02 -2.11
CA VAL B 69 -13.53 -30.04 -1.03
C VAL B 69 -14.55 -31.14 -1.29
N ASP B 70 -14.19 -32.36 -0.89
CA ASP B 70 -15.08 -33.54 -0.92
C ASP B 70 -15.50 -33.82 0.52
N ILE B 71 -16.80 -34.05 0.71
CA ILE B 71 -17.39 -34.32 2.06
C ILE B 71 -17.89 -35.76 2.02
N LYS B 72 -17.24 -36.64 2.78
CA LYS B 72 -17.56 -38.08 2.83
C LYS B 72 -17.90 -38.48 4.27
N THR B 73 -18.27 -39.75 4.44
CA THR B 73 -18.66 -40.39 5.72
C THR B 73 -17.66 -40.00 6.80
N ASN B 74 -16.36 -40.00 6.48
CA ASN B 74 -15.25 -39.84 7.47
C ASN B 74 -14.74 -38.38 7.48
N GLY B 75 -15.41 -37.48 6.78
CA GLY B 75 -15.08 -36.04 6.85
C GLY B 75 -14.60 -35.51 5.51
N MSE B 76 -13.74 -34.49 5.58
CA MSE B 76 -13.48 -33.70 4.39
C MSE B 76 -12.04 -33.85 3.94
O MSE B 76 -11.13 -33.88 4.76
CB MSE B 76 -13.81 -32.22 4.64
CG MSE B 76 -15.27 -31.98 4.98
SE MSE B 76 -15.53 -30.18 5.73
CE MSE B 76 -14.46 -29.98 7.37
N THR B 77 -11.88 -33.87 2.61
CA THR B 77 -10.60 -33.85 1.92
C THR B 77 -10.64 -32.79 0.80
N LEU B 78 -9.48 -32.41 0.29
CA LEU B 78 -9.40 -31.47 -0.86
C LEU B 78 -9.61 -32.25 -2.14
N THR B 79 -10.20 -31.61 -3.13
CA THR B 79 -10.19 -32.13 -4.51
C THR B 79 -8.86 -31.76 -5.17
N GLU B 80 -8.63 -32.27 -6.36
CA GLU B 80 -7.51 -31.78 -7.20
C GLU B 80 -7.63 -30.25 -7.36
N GLU B 81 -8.83 -29.74 -7.66
CA GLU B 81 -9.07 -28.28 -7.81
C GLU B 81 -8.62 -27.55 -6.54
N GLY B 82 -8.89 -28.10 -5.38
CA GLY B 82 -8.53 -27.51 -4.08
C GLY B 82 -7.03 -27.38 -3.92
N TYR B 83 -6.28 -28.45 -4.22
CA TYR B 83 -4.80 -28.49 -4.15
C TYR B 83 -4.20 -27.46 -5.11
N GLU B 84 -4.69 -27.44 -6.34
CA GLU B 84 -4.23 -26.50 -7.40
C GLU B 84 -4.39 -25.07 -6.88
N LEU B 85 -5.59 -24.71 -6.39
CA LEU B 85 -5.90 -23.34 -5.90
C LEU B 85 -4.87 -22.93 -4.82
N LEU B 86 -4.51 -23.83 -3.92
CA LEU B 86 -3.54 -23.48 -2.84
C LEU B 86 -2.18 -23.12 -3.44
N SER B 87 -1.74 -23.79 -4.51
CA SER B 87 -0.43 -23.50 -5.14
C SER B 87 -0.50 -22.15 -5.89
N VAL B 88 -1.59 -21.91 -6.62
CA VAL B 88 -1.77 -20.68 -7.44
C VAL B 88 -1.81 -19.44 -6.54
N LEU B 89 -2.52 -19.47 -5.42
CA LEU B 89 -2.76 -18.24 -4.61
C LEU B 89 -1.72 -18.11 -3.49
N GLU B 90 -0.80 -19.05 -3.35
CA GLU B 90 0.11 -19.12 -2.18
C GLU B 90 0.77 -17.75 -1.98
N ASP B 91 1.33 -17.18 -3.05
CA ASP B 91 2.06 -15.88 -3.10
C ASP B 91 1.13 -14.75 -2.64
N THR B 92 0.10 -14.46 -3.44
CA THR B 92 -0.95 -13.44 -3.14
C THR B 92 -1.38 -13.48 -1.67
N MSE B 93 -1.58 -14.66 -1.13
CA MSE B 93 -2.15 -14.78 0.23
C MSE B 93 -1.21 -14.28 1.33
O MSE B 93 -1.66 -14.18 2.48
CB MSE B 93 -2.62 -16.19 0.51
CG MSE B 93 -3.84 -16.61 -0.28
SE MSE B 93 -5.45 -15.72 0.38
CE MSE B 93 -6.29 -14.91 -1.16
N LYS B 94 -0.08 -13.73 0.91
CA LYS B 94 0.88 -13.04 1.82
C LYS B 94 1.20 -11.66 1.22
N ASP B 95 2.31 -11.55 0.49
CA ASP B 95 2.80 -10.30 -0.17
C ASP B 95 2.60 -10.40 -1.69
N SER C 1 3.52 -23.39 -9.54
CA SER C 1 2.60 -22.54 -10.37
C SER C 1 1.91 -21.47 -9.51
N ASN C 2 2.69 -20.71 -8.75
CA ASN C 2 2.29 -19.38 -8.20
C ASN C 2 1.86 -18.49 -9.37
N ALA C 3 0.73 -17.78 -9.23
CA ALA C 3 0.09 -17.03 -10.34
C ALA C 3 1.09 -16.02 -10.92
N ALA C 4 1.46 -16.21 -12.20
CA ALA C 4 2.47 -15.42 -12.93
C ALA C 4 1.78 -14.26 -13.67
N SER C 5 0.49 -14.39 -14.01
CA SER C 5 -0.24 -13.36 -14.79
C SER C 5 -1.49 -12.84 -14.06
N MSE C 6 -2.14 -11.85 -14.68
CA MSE C 6 -3.36 -11.21 -14.12
C MSE C 6 -4.57 -12.11 -14.38
O MSE C 6 -5.37 -12.31 -13.44
CB MSE C 6 -3.57 -9.83 -14.75
CG MSE C 6 -4.08 -8.79 -13.78
SE MSE C 6 -4.73 -7.19 -14.72
CE MSE C 6 -3.25 -5.91 -14.92
N ASN C 7 -4.68 -12.64 -15.59
CA ASN C 7 -5.80 -13.51 -15.94
C ASN C 7 -5.77 -14.76 -15.05
N GLN C 8 -4.58 -15.26 -14.76
CA GLN C 8 -4.39 -16.46 -13.90
C GLN C 8 -4.86 -16.14 -12.49
N LEU C 9 -4.44 -14.98 -11.95
CA LEU C 9 -4.81 -14.55 -10.56
C LEU C 9 -6.33 -14.39 -10.45
N ILE C 10 -6.96 -13.72 -11.41
CA ILE C 10 -8.41 -13.45 -11.37
C ILE C 10 -9.16 -14.77 -11.40
N GLN C 11 -8.69 -15.71 -12.21
CA GLN C 11 -9.36 -17.01 -12.45
C GLN C 11 -9.39 -17.77 -11.10
N ALA C 12 -8.25 -17.79 -10.42
CA ALA C 12 -8.08 -18.40 -9.08
C ALA C 12 -8.96 -17.69 -8.05
N GLN C 13 -8.99 -16.35 -8.04
CA GLN C 13 -9.74 -15.54 -7.05
C GLN C 13 -11.24 -15.81 -7.19
N LYS C 14 -11.75 -15.90 -8.42
CA LYS C 14 -13.19 -16.17 -8.67
C LYS C 14 -13.63 -17.51 -8.07
N LYS C 15 -12.73 -18.49 -7.90
CA LYS C 15 -13.10 -19.79 -7.28
C LYS C 15 -13.57 -19.58 -5.83
N LEU C 16 -12.90 -18.68 -5.12
CA LEU C 16 -13.21 -18.31 -3.71
C LEU C 16 -14.24 -17.19 -3.65
N LEU C 17 -14.34 -16.33 -4.67
CA LEU C 17 -15.26 -15.16 -4.68
C LEU C 17 -15.93 -15.04 -6.04
N PRO C 18 -16.99 -15.84 -6.30
CA PRO C 18 -17.57 -15.90 -7.64
C PRO C 18 -18.04 -14.55 -8.23
N ASP C 19 -18.44 -13.58 -7.41
CA ASP C 19 -18.94 -12.29 -7.93
C ASP C 19 -17.88 -11.19 -7.73
N LEU C 20 -16.60 -11.54 -7.66
CA LEU C 20 -15.50 -10.56 -7.47
C LEU C 20 -15.55 -9.45 -8.55
N LEU C 21 -15.65 -9.83 -9.82
CA LEU C 21 -15.59 -8.87 -10.95
C LEU C 21 -16.83 -7.97 -10.91
N LEU C 22 -17.97 -8.53 -10.49
CA LEU C 22 -19.24 -7.76 -10.40
C LEU C 22 -19.12 -6.69 -9.30
N VAL C 23 -18.64 -7.06 -8.13
CA VAL C 23 -18.45 -6.06 -7.03
C VAL C 23 -17.47 -5.00 -7.52
N MSE C 24 -16.37 -5.44 -8.15
CA MSE C 24 -15.30 -4.54 -8.56
C MSE C 24 -15.87 -3.49 -9.53
O MSE C 24 -15.66 -2.31 -9.35
CB MSE C 24 -14.17 -5.31 -9.24
CG MSE C 24 -12.76 -4.85 -8.88
SE MSE C 24 -11.38 -6.10 -9.56
CE MSE C 24 -11.87 -7.93 -9.06
N GLN C 25 -16.63 -3.98 -10.50
CA GLN C 25 -17.18 -3.14 -11.55
C GLN C 25 -18.18 -2.15 -10.94
N LYS C 26 -19.08 -2.65 -10.07
CA LYS C 26 -20.14 -1.84 -9.44
C LYS C 26 -19.49 -0.70 -8.63
N ARG C 27 -18.46 -1.00 -7.84
CA ARG C 27 -17.79 0.03 -7.01
C ARG C 27 -17.04 1.01 -7.90
N PHE C 28 -16.42 0.53 -8.98
CA PHE C 28 -15.71 1.38 -9.96
C PHE C 28 -16.71 2.34 -10.61
N GLU C 29 -17.89 1.87 -11.01
CA GLU C 29 -18.97 2.70 -11.60
C GLU C 29 -19.40 3.79 -10.62
N ILE C 30 -19.59 3.46 -9.34
CA ILE C 30 -19.98 4.43 -8.29
C ILE C 30 -18.91 5.53 -8.26
N LEU C 31 -17.62 5.16 -8.24
CA LEU C 31 -16.54 6.16 -8.09
C LEU C 31 -16.52 7.07 -9.34
N GLN C 32 -16.63 6.50 -10.55
CA GLN C 32 -16.66 7.27 -11.83
C GLN C 32 -17.80 8.28 -11.77
N TYR C 33 -18.99 7.83 -11.35
CA TYR C 33 -20.20 8.67 -11.39
C TYR C 33 -20.03 9.81 -10.39
N ILE C 34 -19.43 9.53 -9.24
CA ILE C 34 -19.21 10.60 -8.23
C ILE C 34 -18.23 11.62 -8.83
N ARG C 35 -17.17 11.17 -9.51
CA ARG C 35 -16.14 12.11 -10.03
C ARG C 35 -16.82 13.08 -11.00
N LEU C 36 -17.72 12.56 -11.83
CA LEU C 36 -18.47 13.33 -12.84
C LEU C 36 -19.44 14.33 -12.19
N THR C 37 -20.12 14.00 -11.10
CA THR C 37 -21.29 14.76 -10.60
C THR C 37 -21.11 15.34 -9.20
N GLU C 38 -19.98 15.09 -8.54
CA GLU C 38 -19.63 15.66 -7.21
C GLU C 38 -20.08 17.12 -7.08
N PRO C 39 -20.69 17.58 -5.97
CA PRO C 39 -21.22 16.68 -4.94
C PRO C 39 -22.59 16.13 -5.34
N ILE C 40 -22.89 14.89 -5.00
CA ILE C 40 -24.19 14.23 -5.32
C ILE C 40 -24.62 13.41 -4.09
N GLY C 41 -25.93 13.32 -3.87
CA GLY C 41 -26.51 12.62 -2.70
C GLY C 41 -27.01 11.25 -3.09
N ARG C 42 -27.37 10.45 -2.09
CA ARG C 42 -27.65 9.01 -2.29
C ARG C 42 -28.93 8.82 -3.12
N ARG C 43 -29.88 9.74 -3.06
CA ARG C 43 -31.15 9.66 -3.83
C ARG C 43 -30.83 9.84 -5.31
N SER C 44 -30.12 10.91 -5.64
CA SER C 44 -29.74 11.24 -7.04
C SER C 44 -28.83 10.14 -7.60
N LEU C 45 -27.78 9.78 -6.86
CA LEU C 45 -26.79 8.78 -7.33
C LEU C 45 -27.46 7.42 -7.54
N SER C 46 -28.35 6.97 -6.65
CA SER C 46 -29.04 5.65 -6.81
C SER C 46 -29.89 5.67 -8.08
N ALA C 47 -30.62 6.76 -8.31
CA ALA C 47 -31.51 6.93 -9.49
C ALA C 47 -30.66 6.91 -10.77
N SER C 48 -29.54 7.65 -10.80
CA SER C 48 -28.67 7.76 -11.98
C SER C 48 -28.07 6.40 -12.36
N LEU C 49 -27.84 5.51 -11.40
CA LEU C 49 -27.23 4.17 -11.62
C LEU C 49 -28.29 3.05 -11.72
N GLY C 50 -29.56 3.30 -11.40
CA GLY C 50 -30.57 2.21 -11.40
C GLY C 50 -30.28 1.17 -10.32
N ILE C 51 -29.77 1.62 -9.18
CA ILE C 51 -29.55 0.81 -7.94
C ILE C 51 -30.55 1.30 -6.89
N SER C 52 -31.05 0.42 -6.03
CA SER C 52 -31.96 0.81 -4.93
C SER C 52 -31.18 1.73 -3.96
N GLU C 53 -31.82 2.74 -3.40
CA GLU C 53 -31.19 3.74 -2.50
C GLU C 53 -30.51 3.01 -1.34
N ARG C 54 -31.16 1.98 -0.78
CA ARG C 54 -30.62 1.27 0.40
C ARG C 54 -29.33 0.52 0.07
N VAL C 55 -29.27 -0.15 -1.09
CA VAL C 55 -28.05 -0.86 -1.55
C VAL C 55 -26.94 0.16 -1.80
N LEU C 56 -27.24 1.25 -2.52
CA LEU C 56 -26.22 2.28 -2.82
C LEU C 56 -25.69 2.85 -1.50
N ARG C 57 -26.59 3.10 -0.56
CA ARG C 57 -26.23 3.75 0.72
C ARG C 57 -25.20 2.91 1.48
N GLY C 58 -25.42 1.59 1.52
CA GLY C 58 -24.46 0.62 2.11
C GLY C 58 -23.11 0.70 1.41
N GLU C 59 -23.08 0.69 0.08
CA GLU C 59 -21.79 0.72 -0.69
C GLU C 59 -21.06 2.03 -0.41
N VAL C 60 -21.78 3.13 -0.42
CA VAL C 60 -21.19 4.47 -0.22
C VAL C 60 -20.64 4.59 1.20
N GLN C 61 -21.34 4.07 2.20
CA GLN C 61 -20.87 4.14 3.61
C GLN C 61 -19.58 3.31 3.71
N PHE C 62 -19.51 2.16 3.02
CA PHE C 62 -18.27 1.34 2.93
C PHE C 62 -17.13 2.16 2.31
N LEU C 63 -17.40 2.81 1.18
CA LEU C 63 -16.34 3.61 0.47
C LEU C 63 -15.84 4.75 1.37
N LYS C 64 -16.72 5.36 2.17
CA LYS C 64 -16.34 6.44 3.12
C LYS C 64 -15.42 5.87 4.21
N GLU C 65 -15.78 4.72 4.79
CA GLU C 65 -14.92 3.98 5.77
C GLU C 65 -13.55 3.62 5.15
N GLN C 66 -13.44 3.36 3.84
CA GLN C 66 -12.13 3.12 3.17
C GLN C 66 -11.43 4.42 2.79
N ASN C 67 -12.01 5.56 3.15
CA ASN C 67 -11.44 6.92 2.94
CA ASN C 67 -11.44 6.92 2.94
C ASN C 67 -11.34 7.20 1.43
N LEU C 68 -12.31 6.72 0.64
CA LEU C 68 -12.32 6.95 -0.82
C LEU C 68 -13.32 8.06 -1.15
N VAL C 69 -14.34 8.21 -0.32
CA VAL C 69 -15.45 9.18 -0.54
C VAL C 69 -15.62 9.97 0.76
N ASP C 70 -15.94 11.26 0.64
CA ASP C 70 -16.34 12.11 1.79
C ASP C 70 -17.83 12.32 1.67
N ILE C 71 -18.55 12.08 2.77
CA ILE C 71 -20.02 12.29 2.86
C ILE C 71 -20.27 13.50 3.75
N LYS C 72 -20.65 14.62 3.16
CA LYS C 72 -20.91 15.90 3.88
C LYS C 72 -22.37 16.31 3.70
N THR C 73 -22.77 17.42 4.32
CA THR C 73 -24.13 18.00 4.31
C THR C 73 -24.69 18.03 2.89
N ASN C 74 -23.88 18.46 1.93
CA ASN C 74 -24.33 18.67 0.52
C ASN C 74 -24.09 17.43 -0.34
N GLY C 75 -23.67 16.29 0.23
CA GLY C 75 -23.53 15.05 -0.54
C GLY C 75 -22.08 14.58 -0.61
N MSE C 76 -21.80 13.80 -1.64
CA MSE C 76 -20.58 13.02 -1.63
C MSE C 76 -19.61 13.51 -2.71
O MSE C 76 -20.05 13.85 -3.82
CB MSE C 76 -20.89 11.55 -1.86
CG MSE C 76 -21.76 10.94 -0.77
SE MSE C 76 -22.43 9.18 -1.31
CE MSE C 76 -23.79 9.40 -2.71
N THR C 77 -18.33 13.52 -2.31
CA THR C 77 -17.20 13.85 -3.15
C THR C 77 -16.11 12.79 -2.96
N LEU C 78 -15.18 12.68 -3.92
CA LEU C 78 -14.02 11.78 -3.78
C LEU C 78 -12.98 12.43 -2.89
N THR C 79 -12.26 11.63 -2.12
CA THR C 79 -11.04 12.08 -1.41
C THR C 79 -9.86 12.09 -2.39
N GLU C 80 -8.70 12.56 -1.93
CA GLU C 80 -7.46 12.48 -2.73
C GLU C 80 -7.20 11.01 -3.06
N GLU C 81 -7.31 10.13 -2.05
CA GLU C 81 -7.11 8.67 -2.17
C GLU C 81 -8.08 8.13 -3.24
N GLY C 82 -9.31 8.63 -3.26
CA GLY C 82 -10.34 8.19 -4.23
C GLY C 82 -9.96 8.56 -5.65
N TYR C 83 -9.48 9.79 -5.87
CA TYR C 83 -9.04 10.26 -7.20
C TYR C 83 -7.90 9.39 -7.71
N GLU C 84 -6.90 9.16 -6.85
CA GLU C 84 -5.71 8.32 -7.17
C GLU C 84 -6.23 6.91 -7.54
N LEU C 85 -7.04 6.29 -6.67
CA LEU C 85 -7.52 4.91 -6.91
C LEU C 85 -8.29 4.90 -8.25
N LEU C 86 -9.12 5.89 -8.51
CA LEU C 86 -9.97 5.86 -9.72
C LEU C 86 -9.07 5.92 -10.96
N SER C 87 -7.94 6.65 -10.91
CA SER C 87 -7.02 6.77 -12.07
C SER C 87 -6.33 5.41 -12.30
N VAL C 88 -5.92 4.74 -11.22
CA VAL C 88 -5.35 3.35 -11.27
C VAL C 88 -6.35 2.36 -11.90
N LEU C 89 -7.61 2.38 -11.47
CA LEU C 89 -8.65 1.42 -11.94
C LEU C 89 -8.96 1.63 -13.43
N GLU C 90 -8.93 2.86 -13.96
CA GLU C 90 -9.22 3.07 -15.39
C GLU C 90 -8.27 2.18 -16.21
N ASP C 91 -7.00 2.11 -15.81
CA ASP C 91 -5.96 1.29 -16.47
C ASP C 91 -6.20 -0.21 -16.19
N THR C 92 -6.16 -0.59 -14.92
CA THR C 92 -6.35 -1.98 -14.43
C THR C 92 -7.61 -2.61 -15.02
N MSE C 93 -8.72 -1.87 -15.05
CA MSE C 93 -9.99 -2.49 -15.41
C MSE C 93 -10.07 -2.79 -16.91
O MSE C 93 -10.93 -3.57 -17.30
CB MSE C 93 -11.18 -1.62 -14.99
CG MSE C 93 -11.31 -1.41 -13.49
SE MSE C 93 -11.75 -3.07 -12.53
CE MSE C 93 -13.66 -3.19 -12.97
N LYS C 94 -9.19 -2.21 -17.74
CA LYS C 94 -9.24 -2.52 -19.16
C LYS C 94 -8.77 -3.96 -19.40
N ASP C 95 -7.84 -4.45 -18.57
CA ASP C 95 -7.22 -5.81 -18.71
C ASP C 95 -7.87 -6.81 -17.76
N VAL C 96 -9.20 -6.75 -17.61
CA VAL C 96 -9.98 -7.60 -16.67
C VAL C 96 -11.36 -7.85 -17.26
N SER D 1 0.47 24.91 11.20
CA SER D 1 1.43 24.99 12.35
C SER D 1 2.30 23.72 12.38
N ASN D 2 3.36 23.74 13.19
CA ASN D 2 4.36 22.65 13.28
C ASN D 2 3.70 21.34 13.70
N ALA D 3 4.06 20.23 13.03
CA ALA D 3 3.39 18.91 13.18
C ALA D 3 3.45 18.46 14.64
N ALA D 4 2.27 18.29 15.25
CA ALA D 4 2.10 17.95 16.69
C ALA D 4 2.22 16.43 16.88
N SER D 5 1.89 15.63 15.87
CA SER D 5 1.79 14.15 15.98
C SER D 5 2.54 13.42 14.86
N MSE D 6 2.55 12.09 14.97
CA MSE D 6 3.19 11.19 14.03
C MSE D 6 2.35 11.06 12.76
O MSE D 6 2.91 11.05 11.66
CB MSE D 6 3.41 9.80 14.68
CG MSE D 6 4.85 9.46 15.03
SE MSE D 6 5.05 7.55 15.43
CE MSE D 6 4.20 6.53 13.99
N ASN D 7 1.02 10.96 12.90
CA ASN D 7 0.15 10.90 11.74
C ASN D 7 0.30 12.17 10.91
N GLN D 8 0.40 13.32 11.57
CA GLN D 8 0.49 14.64 10.89
C GLN D 8 1.81 14.71 10.13
N LEU D 9 2.93 14.34 10.78
CA LEU D 9 4.29 14.35 10.18
C LEU D 9 4.32 13.46 8.93
N ILE D 10 3.80 12.24 9.01
CA ILE D 10 3.86 11.26 7.88
C ILE D 10 3.04 11.81 6.72
N GLN D 11 1.90 12.42 7.00
CA GLN D 11 0.97 12.90 5.94
C GLN D 11 1.67 14.05 5.19
N ALA D 12 2.37 14.93 5.90
CA ALA D 12 3.18 16.02 5.32
C ALA D 12 4.36 15.44 4.50
N GLN D 13 5.06 14.44 5.04
CA GLN D 13 6.26 13.83 4.40
C GLN D 13 5.86 13.14 3.09
N LYS D 14 4.74 12.43 3.07
CA LYS D 14 4.23 11.80 1.82
C LYS D 14 3.98 12.81 0.68
N LYS D 15 3.74 14.09 0.97
CA LYS D 15 3.55 15.12 -0.10
C LYS D 15 4.85 15.29 -0.88
N LEU D 16 5.99 15.22 -0.20
CA LEU D 16 7.32 15.35 -0.84
C LEU D 16 7.83 13.99 -1.30
N LEU D 17 7.38 12.89 -0.68
CA LEU D 17 7.92 11.52 -0.92
C LEU D 17 6.78 10.51 -0.93
N PRO D 18 6.01 10.44 -2.03
CA PRO D 18 4.75 9.70 -1.99
C PRO D 18 4.87 8.23 -1.58
N ASP D 19 5.98 7.55 -1.87
CA ASP D 19 6.14 6.12 -1.50
C ASP D 19 7.15 5.98 -0.35
N LEU D 20 7.20 6.96 0.56
CA LEU D 20 7.99 6.87 1.82
C LEU D 20 7.65 5.59 2.60
N LEU D 21 6.37 5.29 2.82
CA LEU D 21 5.97 4.13 3.66
C LEU D 21 6.40 2.83 2.96
N LEU D 22 6.35 2.82 1.62
CA LEU D 22 6.76 1.65 0.82
C LEU D 22 8.25 1.38 1.03
N VAL D 23 9.09 2.39 0.87
CA VAL D 23 10.56 2.21 1.05
C VAL D 23 10.81 1.76 2.49
N MSE D 24 10.13 2.39 3.46
CA MSE D 24 10.34 2.11 4.86
C MSE D 24 10.08 0.63 5.13
O MSE D 24 10.90 -0.05 5.75
CB MSE D 24 9.42 2.91 5.78
CG MSE D 24 9.97 4.24 6.23
SE MSE D 24 8.96 5.18 7.65
CE MSE D 24 10.25 4.97 9.12
N GLN D 25 8.92 0.18 4.66
CA GLN D 25 8.45 -1.17 4.92
C GLN D 25 9.40 -2.18 4.25
N LYS D 26 9.78 -1.93 2.99
CA LYS D 26 10.67 -2.84 2.23
C LYS D 26 12.00 -2.96 2.98
N ARG D 27 12.56 -1.86 3.45
CA ARG D 27 13.88 -1.90 4.14
C ARG D 27 13.74 -2.60 5.49
N PHE D 28 12.63 -2.37 6.19
CA PHE D 28 12.33 -3.02 7.47
C PHE D 28 12.28 -4.54 7.24
N GLU D 29 11.56 -5.00 6.21
CA GLU D 29 11.41 -6.45 5.90
C GLU D 29 12.79 -7.07 5.61
N ILE D 30 13.66 -6.40 4.86
CA ILE D 30 15.05 -6.88 4.59
C ILE D 30 15.74 -7.10 5.93
N LEU D 31 15.67 -6.14 6.84
CA LEU D 31 16.44 -6.22 8.11
C LEU D 31 15.87 -7.37 8.97
N GLN D 32 14.54 -7.52 9.05
CA GLN D 32 13.87 -8.64 9.78
C GLN D 32 14.34 -9.98 9.23
N TYR D 33 14.37 -10.11 7.90
CA TYR D 33 14.68 -11.41 7.24
C TYR D 33 16.16 -11.73 7.46
N ILE D 34 17.02 -10.71 7.44
CA ILE D 34 18.45 -10.97 7.76
C ILE D 34 18.58 -11.41 9.23
N ARG D 35 17.83 -10.80 10.16
CA ARG D 35 18.00 -11.13 11.60
C ARG D 35 17.65 -12.60 11.80
N LEU D 36 16.62 -13.06 11.10
CA LEU D 36 16.10 -14.44 11.16
C LEU D 36 17.08 -15.45 10.58
N THR D 37 17.81 -15.13 9.49
CA THR D 37 18.52 -16.14 8.65
C THR D 37 20.02 -15.87 8.53
N GLU D 38 20.57 -14.84 9.14
CA GLU D 38 22.00 -14.52 8.93
C GLU D 38 22.86 -15.72 9.30
N PRO D 39 24.03 -15.92 8.63
CA PRO D 39 24.38 -15.18 7.42
C PRO D 39 23.57 -15.68 6.21
N ILE D 40 23.14 -14.77 5.35
CA ILE D 40 22.39 -15.11 4.10
C ILE D 40 22.94 -14.25 2.96
N GLY D 41 22.98 -14.80 1.75
CA GLY D 41 23.50 -14.11 0.57
C GLY D 41 22.37 -13.56 -0.27
N ARG D 42 22.75 -12.75 -1.27
CA ARG D 42 21.83 -11.95 -2.10
C ARG D 42 20.88 -12.85 -2.92
N ARG D 43 21.30 -14.03 -3.31
CA ARG D 43 20.49 -14.95 -4.15
C ARG D 43 19.35 -15.51 -3.28
N SER D 44 19.69 -16.03 -2.10
CA SER D 44 18.69 -16.62 -1.16
C SER D 44 17.75 -15.52 -0.64
N LEU D 45 18.32 -14.38 -0.21
CA LEU D 45 17.50 -13.30 0.37
C LEU D 45 16.52 -12.74 -0.67
N SER D 46 16.97 -12.54 -1.91
CA SER D 46 16.08 -12.00 -2.98
C SER D 46 14.93 -12.99 -3.22
N ALA D 47 15.24 -14.29 -3.33
CA ALA D 47 14.25 -15.36 -3.58
C ALA D 47 13.21 -15.37 -2.47
N SER D 48 13.66 -15.37 -1.20
CA SER D 48 12.79 -15.46 0.00
C SER D 48 11.82 -14.28 0.05
N LEU D 49 12.25 -13.07 -0.34
CA LEU D 49 11.40 -11.84 -0.28
C LEU D 49 10.69 -11.59 -1.62
N GLY D 50 10.96 -12.37 -2.67
CA GLY D 50 10.32 -12.16 -3.98
C GLY D 50 10.69 -10.83 -4.61
N ILE D 51 11.93 -10.37 -4.39
CA ILE D 51 12.55 -9.14 -4.96
C ILE D 51 13.62 -9.60 -5.96
N SER D 52 13.82 -8.87 -7.05
CA SER D 52 14.83 -9.22 -8.08
C SER D 52 16.21 -9.10 -7.41
N GLU D 53 17.12 -9.98 -7.76
CA GLU D 53 18.46 -9.98 -7.11
C GLU D 53 19.13 -8.62 -7.28
N ARG D 54 19.01 -8.01 -8.45
CA ARG D 54 19.66 -6.70 -8.76
C ARG D 54 19.12 -5.59 -7.85
N VAL D 55 17.81 -5.52 -7.65
CA VAL D 55 17.18 -4.52 -6.74
C VAL D 55 17.64 -4.81 -5.31
N LEU D 56 17.53 -6.06 -4.84
CA LEU D 56 17.90 -6.42 -3.45
C LEU D 56 19.38 -6.07 -3.21
N ARG D 57 20.24 -6.30 -4.21
CA ARG D 57 21.70 -6.08 -4.10
C ARG D 57 21.99 -4.61 -3.86
N GLY D 58 21.32 -3.72 -4.62
CA GLY D 58 21.36 -2.26 -4.43
C GLY D 58 20.90 -1.85 -3.04
N GLU D 59 19.77 -2.37 -2.55
CA GLU D 59 19.25 -2.03 -1.18
C GLU D 59 20.23 -2.52 -0.11
N VAL D 60 20.79 -3.72 -0.23
CA VAL D 60 21.65 -4.20 0.88
C VAL D 60 22.99 -3.44 0.83
N GLN D 61 23.45 -3.02 -0.36
CA GLN D 61 24.72 -2.25 -0.47
C GLN D 61 24.50 -0.89 0.20
N PHE D 62 23.29 -0.33 0.06
CA PHE D 62 22.88 0.93 0.73
C PHE D 62 22.90 0.72 2.26
N LEU D 63 22.24 -0.33 2.74
CA LEU D 63 22.17 -0.64 4.19
C LEU D 63 23.59 -0.82 4.76
N LYS D 64 24.49 -1.45 4.00
CA LYS D 64 25.91 -1.63 4.40
C LYS D 64 26.63 -0.28 4.53
N GLU D 65 26.43 0.62 3.58
CA GLU D 65 26.95 2.02 3.64
C GLU D 65 26.39 2.75 4.86
N GLN D 66 25.16 2.49 5.30
CA GLN D 66 24.58 3.10 6.53
C GLN D 66 25.02 2.33 7.78
N ASN D 67 25.91 1.35 7.64
CA ASN D 67 26.52 0.57 8.75
C ASN D 67 25.43 -0.23 9.49
N LEU D 68 24.41 -0.71 8.78
CA LEU D 68 23.32 -1.50 9.37
C LEU D 68 23.55 -2.99 9.13
N VAL D 69 24.23 -3.36 8.04
CA VAL D 69 24.50 -4.78 7.69
CA VAL D 69 24.52 -4.78 7.74
C VAL D 69 25.99 -4.91 7.33
N ASP D 70 26.58 -6.05 7.67
CA ASP D 70 27.95 -6.43 7.27
C ASP D 70 27.81 -7.43 6.12
N ILE D 71 28.57 -7.19 5.05
CA ILE D 71 28.59 -8.03 3.82
C ILE D 71 29.96 -8.71 3.76
N LYS D 72 29.98 -10.00 4.05
CA LYS D 72 31.24 -10.76 4.21
C LYS D 72 31.21 -11.92 3.22
N THR D 73 32.31 -12.67 3.13
CA THR D 73 32.49 -13.80 2.18
C THR D 73 31.31 -14.75 2.26
N ASN D 74 30.82 -15.02 3.47
CA ASN D 74 29.75 -16.03 3.70
C ASN D 74 28.35 -15.37 3.70
N GLY D 75 28.23 -14.08 3.36
CA GLY D 75 26.91 -13.44 3.26
C GLY D 75 26.74 -12.31 4.28
N MSE D 76 25.47 -12.02 4.59
CA MSE D 76 25.19 -10.77 5.29
C MSE D 76 24.64 -11.03 6.68
O MSE D 76 23.82 -11.93 6.87
CB MSE D 76 24.21 -9.92 4.47
CG MSE D 76 24.67 -9.66 3.05
SE MSE D 76 23.24 -8.85 1.97
CE MSE D 76 21.98 -10.24 1.42
N THR D 77 25.11 -10.21 7.62
N THR D 77 25.10 -10.21 7.62
CA THR D 77 24.67 -10.19 9.00
CA THR D 77 24.67 -10.23 9.00
C THR D 77 24.33 -8.76 9.41
C THR D 77 24.31 -8.78 9.39
N LEU D 78 23.58 -8.57 10.49
CA LEU D 78 23.28 -7.22 11.03
C LEU D 78 24.47 -6.73 11.84
N THR D 79 24.70 -5.43 11.86
CA THR D 79 25.66 -4.79 12.78
C THR D 79 24.95 -4.55 14.12
N GLU D 80 25.69 -4.11 15.12
CA GLU D 80 25.14 -3.63 16.42
C GLU D 80 24.08 -2.58 16.10
N GLU D 81 24.44 -1.58 15.27
CA GLU D 81 23.54 -0.48 14.87
C GLU D 81 22.27 -1.07 14.23
N GLY D 82 22.42 -2.13 13.43
CA GLY D 82 21.29 -2.75 12.71
C GLY D 82 20.32 -3.39 13.67
N TYR D 83 20.82 -4.11 14.68
CA TYR D 83 19.97 -4.78 15.70
C TYR D 83 19.18 -3.73 16.47
N GLU D 84 19.87 -2.70 16.94
CA GLU D 84 19.26 -1.57 17.68
C GLU D 84 18.18 -0.94 16.78
N LEU D 85 18.51 -0.57 15.54
CA LEU D 85 17.53 0.08 14.64
C LEU D 85 16.33 -0.86 14.47
N LEU D 86 16.57 -2.15 14.29
CA LEU D 86 15.45 -3.09 14.02
C LEU D 86 14.52 -3.14 15.24
N SER D 87 15.08 -3.01 16.45
CA SER D 87 14.30 -3.04 17.72
C SER D 87 13.42 -1.79 17.80
N VAL D 88 13.99 -0.61 17.50
CA VAL D 88 13.24 0.67 17.38
C VAL D 88 12.10 0.58 16.35
N LEU D 89 12.35 0.02 15.16
CA LEU D 89 11.34 -0.06 14.06
C LEU D 89 10.19 -1.00 14.44
N GLU D 90 10.45 -2.03 15.25
CA GLU D 90 9.38 -2.97 15.68
C GLU D 90 8.28 -2.17 16.38
N ASP D 91 8.67 -1.23 17.23
CA ASP D 91 7.75 -0.32 17.98
C ASP D 91 7.10 0.69 17.02
N THR D 92 7.93 1.53 16.38
CA THR D 92 7.47 2.61 15.47
C THR D 92 6.57 2.13 14.34
N MSE D 93 6.89 1.02 13.68
CA MSE D 93 6.11 0.59 12.49
C MSE D 93 4.67 0.17 12.80
O MSE D 93 3.88 0.10 11.85
CB MSE D 93 6.83 -0.47 11.67
CG MSE D 93 8.18 -0.07 11.11
SE MSE D 93 8.24 1.38 9.79
CE MSE D 93 7.00 0.94 8.34
N LYS D 94 4.33 -0.08 14.06
CA LYS D 94 2.93 -0.40 14.41
C LYS D 94 2.09 0.87 14.40
N ASP D 95 2.73 2.02 14.65
CA ASP D 95 2.03 3.33 14.75
C ASP D 95 2.16 4.14 13.46
N VAL D 96 2.74 3.57 12.40
CA VAL D 96 2.94 4.28 11.08
C VAL D 96 1.85 3.79 10.12
CA CA K . -8.55 26.11 2.09
CA CA L . -5.94 -33.44 -13.44
C1 EDO M . -19.91 -3.44 2.43
O1 EDO M . -19.19 -4.46 3.08
C2 EDO M . -21.37 -3.63 2.39
O2 EDO M . -21.94 -3.22 1.18
P PO4 N . 35.41 -11.69 -3.38
O1 PO4 N . 35.55 -10.56 -2.42
O2 PO4 N . 34.16 -11.50 -4.19
O3 PO4 N . 35.33 -12.96 -2.62
O4 PO4 N . 36.60 -11.74 -4.30
P PO4 O . -30.77 -40.42 10.35
O1 PO4 O . -31.52 -39.14 10.64
O2 PO4 O . -31.74 -41.57 10.45
O3 PO4 O . -29.66 -40.61 11.37
O4 PO4 O . -30.17 -40.36 8.97
#